data_7NNA
#
_entry.id   7NNA
#
_cell.length_a   47.914
_cell.length_b   47.914
_cell.length_c   200.488
_cell.angle_alpha   90
_cell.angle_beta   90
_cell.angle_gamma   120
#
_symmetry.space_group_name_H-M   'P 32 2 1'
#
loop_
_entity.id
_entity.type
_entity.pdbx_description
1 polymer 'Klebicin C activity'
2 water water
#
_entity_poly.entity_id   1
_entity_poly.type   'polypeptide(L)'
_entity_poly.pdbx_seq_one_letter_code
;(MSE)SGSLQADLGKKSLTRLQAESSAAIHATAKWTTENLAKTQAAQAERAKAA(MSE)LSQQAAKAKQAKLTQHLKDVV
DRALQNNKTRPTVIDLAHQNNQQ(MSE)AA(MSE)AEFIGRQKAIEEARKKAEREAKRAEEAYQAALRAQEEEQRKQAEI
ERKLQEARKQEAAAKAKAEADRIAAEKAEAEARAKAEAERRKAEEARKALFAKAGIKDTPLEHHHHHH
;
_entity_poly.pdbx_strand_id   A
#
# COMPACT_ATOMS: atom_id res chain seq x y z
N LYS A 12 -12.16 -38.55 18.28
CA LYS A 12 -11.08 -37.73 18.85
C LYS A 12 -11.50 -37.04 20.15
N SER A 13 -10.51 -36.75 21.05
CA SER A 13 -10.75 -36.09 22.32
C SER A 13 -11.18 -34.64 22.07
N LEU A 14 -11.93 -34.02 23.02
CA LEU A 14 -12.36 -32.65 22.83
C LEU A 14 -11.14 -31.70 22.72
N THR A 15 -10.06 -31.96 23.52
CA THR A 15 -8.89 -31.07 23.43
C THR A 15 -8.23 -31.19 22.09
N ARG A 16 -8.18 -32.41 21.50
CA ARG A 16 -7.58 -32.51 20.15
C ARG A 16 -8.46 -31.83 19.14
N LEU A 17 -9.79 -31.99 19.25
CA LEU A 17 -10.70 -31.30 18.31
C LEU A 17 -10.58 -29.78 18.39
N GLN A 18 -10.43 -29.24 19.62
N GLN A 18 -10.43 -29.25 19.62
CA GLN A 18 -10.22 -27.80 19.85
CA GLN A 18 -10.23 -27.83 19.82
C GLN A 18 -8.88 -27.36 19.26
C GLN A 18 -8.90 -27.40 19.18
N ALA A 19 -7.81 -28.18 19.39
CA ALA A 19 -6.50 -27.83 18.78
C ALA A 19 -6.65 -27.83 17.23
N GLU A 20 -7.42 -28.75 16.64
CA GLU A 20 -7.61 -28.69 15.15
C GLU A 20 -8.31 -27.40 14.77
N SER A 21 -9.33 -27.00 15.55
CA SER A 21 -10.09 -25.76 15.24
C SER A 21 -9.17 -24.54 15.27
N SER A 22 -8.33 -24.41 16.32
N SER A 22 -8.32 -24.44 16.31
CA SER A 22 -7.45 -23.22 16.38
CA SER A 22 -7.42 -23.29 16.43
C SER A 22 -6.30 -23.29 15.40
C SER A 22 -6.29 -23.31 15.42
N ALA A 23 -5.80 -24.50 15.04
CA ALA A 23 -4.75 -24.58 14.01
C ALA A 23 -5.37 -24.06 12.65
N ALA A 24 -6.65 -24.42 12.37
CA ALA A 24 -7.29 -23.97 11.11
C ALA A 24 -7.47 -22.44 11.11
N ILE A 25 -7.81 -21.87 12.22
CA ILE A 25 -7.92 -20.40 12.35
C ILE A 25 -6.54 -19.75 12.18
N HIS A 26 -5.50 -20.32 12.73
CA HIS A 26 -4.12 -19.75 12.54
C HIS A 26 -3.73 -19.87 11.03
N ALA A 27 -4.09 -21.00 10.36
CA ALA A 27 -3.79 -21.11 8.93
C ALA A 27 -4.47 -19.96 8.14
N THR A 28 -5.76 -19.64 8.49
CA THR A 28 -6.42 -18.52 7.84
C THR A 28 -5.77 -17.19 8.16
N ALA A 29 -5.34 -16.95 9.42
CA ALA A 29 -4.66 -15.70 9.79
C ALA A 29 -3.41 -15.54 9.02
N LYS A 30 -2.66 -16.64 8.80
CA LYS A 30 -1.45 -16.56 7.98
C LYS A 30 -1.79 -16.15 6.57
N TRP A 31 -2.83 -16.76 5.98
CA TRP A 31 -3.24 -16.43 4.60
C TRP A 31 -3.60 -14.90 4.52
N THR A 32 -4.40 -14.41 5.49
CA THR A 32 -4.79 -12.98 5.52
C THR A 32 -3.55 -12.07 5.59
N THR A 33 -2.59 -12.38 6.47
CA THR A 33 -1.38 -11.55 6.56
C THR A 33 -0.59 -11.59 5.26
N GLU A 34 -0.39 -12.77 4.68
N GLU A 34 -0.39 -12.78 4.67
CA GLU A 34 0.35 -12.93 3.43
CA GLU A 34 0.36 -12.91 3.41
C GLU A 34 -0.31 -12.14 2.29
C GLU A 34 -0.31 -12.13 2.29
N ASN A 35 -1.64 -12.17 2.23
CA ASN A 35 -2.41 -11.43 1.21
C ASN A 35 -2.21 -9.92 1.38
N LEU A 36 -2.19 -9.45 2.65
CA LEU A 36 -1.95 -8.06 2.91
C LEU A 36 -0.52 -7.65 2.66
N ALA A 37 0.42 -8.54 2.91
CA ALA A 37 1.84 -8.24 2.67
C ALA A 37 2.06 -8.10 1.15
N LYS A 38 1.44 -8.98 0.35
CA LYS A 38 1.58 -8.88 -1.11
C LYS A 38 0.92 -7.58 -1.60
N THR A 39 -0.23 -7.25 -1.00
CA THR A 39 -0.96 -6.00 -1.35
C THR A 39 -0.09 -4.78 -1.01
N GLN A 40 0.59 -4.82 0.12
CA GLN A 40 1.46 -3.69 0.51
C GLN A 40 2.57 -3.49 -0.48
N ALA A 41 3.22 -4.61 -0.86
CA ALA A 41 4.37 -4.54 -1.81
C ALA A 41 3.89 -4.04 -3.17
N ALA A 42 2.72 -4.54 -3.65
CA ALA A 42 2.17 -4.06 -4.95
C ALA A 42 1.75 -2.56 -4.89
N GLN A 43 1.24 -2.12 -3.75
CA GLN A 43 0.82 -0.71 -3.59
C GLN A 43 2.03 0.24 -3.47
N ALA A 44 3.14 -0.20 -2.80
CA ALA A 44 4.38 0.61 -2.79
C ALA A 44 4.89 0.76 -4.25
N GLU A 45 4.77 -0.32 -5.09
CA GLU A 45 5.17 -0.17 -6.49
C GLU A 45 4.29 0.85 -7.23
N ARG A 46 2.99 0.88 -6.96
N ARG A 46 2.99 0.86 -6.95
CA ARG A 46 2.10 1.87 -7.58
CA ARG A 46 2.03 1.84 -7.53
C ARG A 46 2.41 3.27 -7.10
C ARG A 46 2.42 3.24 -7.10
N ALA A 47 2.77 3.43 -5.82
CA ALA A 47 3.19 4.78 -5.34
C ALA A 47 4.48 5.20 -6.06
N LYS A 48 5.44 4.29 -6.19
CA LYS A 48 6.72 4.64 -6.86
C LYS A 48 6.47 4.98 -8.31
N ALA A 49 5.55 4.27 -8.97
CA ALA A 49 5.21 4.57 -10.35
C ALA A 49 4.56 5.97 -10.44
N ALA A 50 3.73 6.34 -9.45
CA ALA A 50 3.12 7.68 -9.42
C ALA A 50 4.19 8.82 -9.16
N LEU A 52 7.31 8.71 -10.28
CA LEU A 52 7.94 8.80 -11.61
C LEU A 52 7.07 9.62 -12.60
N SER A 53 5.77 9.35 -12.61
N SER A 53 5.76 9.35 -12.63
CA SER A 53 4.86 10.05 -13.52
CA SER A 53 4.86 10.09 -13.55
C SER A 53 4.72 11.54 -13.13
C SER A 53 4.71 11.55 -13.14
N GLN A 54 4.78 11.84 -11.83
CA GLN A 54 4.70 13.22 -11.34
C GLN A 54 6.01 13.97 -11.77
N GLN A 55 7.20 13.33 -11.63
CA GLN A 55 8.46 14.01 -12.05
C GLN A 55 8.39 14.32 -13.58
N ALA A 56 7.77 13.42 -14.37
CA ALA A 56 7.64 13.68 -15.83
C ALA A 56 6.66 14.85 -16.11
N ALA A 57 5.53 14.94 -15.38
CA ALA A 57 4.59 16.05 -15.60
C ALA A 57 5.21 17.39 -15.16
N LYS A 58 6.02 17.38 -14.10
CA LYS A 58 6.74 18.54 -13.59
C LYS A 58 7.70 19.04 -14.66
N ALA A 59 8.43 18.12 -15.30
CA ALA A 59 9.35 18.51 -16.36
C ALA A 59 8.58 19.09 -17.56
N LYS A 60 7.44 18.47 -17.89
CA LYS A 60 6.66 18.95 -19.03
C LYS A 60 6.07 20.35 -18.80
N GLN A 61 5.57 20.62 -17.58
CA GLN A 61 5.06 21.92 -17.20
C GLN A 61 6.20 22.98 -17.35
N ALA A 62 7.42 22.69 -16.86
CA ALA A 62 8.51 23.66 -16.96
C ALA A 62 8.86 23.95 -18.42
N LYS A 63 8.81 22.90 -19.27
CA LYS A 63 9.13 23.06 -20.69
C LYS A 63 8.13 23.92 -21.48
N LEU A 64 6.84 23.67 -21.27
CA LEU A 64 5.83 24.45 -21.98
C LEU A 64 5.70 25.86 -21.42
N THR A 65 6.02 26.08 -20.14
CA THR A 65 6.04 27.42 -19.56
C THR A 65 7.20 28.21 -20.22
N GLN A 66 8.34 27.55 -20.44
CA GLN A 66 9.47 28.19 -21.11
C GLN A 66 9.11 28.54 -22.54
N HIS A 67 8.37 27.66 -23.23
CA HIS A 67 7.96 27.96 -24.60
C HIS A 67 7.06 29.23 -24.64
N LEU A 68 6.12 29.34 -23.70
CA LEU A 68 5.25 30.53 -23.59
C LEU A 68 6.12 31.78 -23.34
N LYS A 69 7.10 31.68 -22.44
CA LYS A 69 8.02 32.79 -22.16
C LYS A 69 8.74 33.22 -23.47
N ASP A 70 9.21 32.23 -24.28
CA ASP A 70 9.88 32.53 -25.57
C ASP A 70 8.95 33.25 -26.61
N VAL A 71 7.66 32.88 -26.64
CA VAL A 71 6.70 33.52 -27.55
C VAL A 71 6.40 34.92 -27.03
N VAL A 72 6.28 35.08 -25.69
CA VAL A 72 6.11 36.44 -25.14
C VAL A 72 7.35 37.36 -25.56
N ASP A 73 8.57 36.85 -25.47
N ASP A 73 8.57 36.81 -25.50
CA ASP A 73 9.76 37.64 -25.90
CA ASP A 73 9.81 37.49 -25.89
C ASP A 73 9.73 37.96 -27.41
C ASP A 73 9.72 37.93 -27.36
N ARG A 74 9.17 37.06 -28.22
CA ARG A 74 9.01 37.34 -29.68
C ARG A 74 8.04 38.53 -29.86
N ALA A 75 6.97 38.59 -29.04
CA ALA A 75 6.04 39.72 -29.11
C ALA A 75 6.73 41.00 -28.74
N LEU A 76 7.50 41.01 -27.64
CA LEU A 76 8.11 42.25 -27.19
C LEU A 76 9.20 42.76 -28.14
N GLN A 77 9.87 41.85 -28.86
CA GLN A 77 10.83 42.23 -29.87
C GLN A 77 10.09 42.84 -31.05
N ASN A 78 9.01 42.20 -31.52
CA ASN A 78 8.25 42.73 -32.66
C ASN A 78 7.66 44.12 -32.29
N ASN A 79 7.26 44.31 -31.02
CA ASN A 79 6.65 45.60 -30.62
C ASN A 79 7.60 46.79 -30.79
N LYS A 80 8.92 46.51 -30.80
CA LYS A 80 9.89 47.60 -31.08
C LYS A 80 9.77 48.15 -32.46
N THR A 81 9.26 47.37 -33.43
CA THR A 81 9.16 47.82 -34.82
C THR A 81 7.88 48.61 -35.11
N ARG A 82 7.07 48.93 -34.08
CA ARG A 82 5.83 49.70 -34.30
C ARG A 82 6.15 51.04 -35.03
N PRO A 83 5.55 51.28 -36.20
CA PRO A 83 5.79 52.55 -36.91
C PRO A 83 5.00 53.73 -36.33
N THR A 84 5.38 54.97 -36.72
CA THR A 84 4.67 56.18 -36.28
C THR A 84 3.75 56.63 -37.38
N VAL A 85 2.45 56.73 -37.08
CA VAL A 85 1.39 57.20 -37.99
C VAL A 85 0.52 58.14 -37.15
N ILE A 86 0.85 59.43 -37.19
CA ILE A 86 0.18 60.41 -36.34
C ILE A 86 -0.81 61.29 -37.14
N ASP A 87 -0.50 61.65 -38.39
CA ASP A 87 -1.44 62.41 -39.23
C ASP A 87 -2.31 61.39 -39.95
N LEU A 88 -3.37 60.91 -39.26
CA LEU A 88 -4.29 59.87 -39.77
C LEU A 88 -5.11 60.27 -41.00
N ALA A 89 -5.40 61.57 -41.13
CA ALA A 89 -6.13 62.08 -42.29
C ALA A 89 -5.26 62.08 -43.55
N HIS A 90 -3.93 62.22 -43.40
CA HIS A 90 -3.02 62.26 -44.54
C HIS A 90 -2.01 61.10 -44.55
N GLN A 91 -2.46 59.87 -44.32
CA GLN A 91 -1.59 58.69 -44.36
C GLN A 91 -1.20 58.37 -45.81
N ASN A 92 0.11 58.18 -46.10
CA ASN A 92 0.52 57.84 -47.45
C ASN A 92 0.58 56.32 -47.62
N ASN A 93 0.67 55.80 -48.86
CA ASN A 93 0.64 54.33 -49.04
C ASN A 93 1.76 53.55 -48.27
N GLN A 94 2.98 54.09 -48.17
N GLN A 94 2.98 54.10 -48.18
CA GLN A 94 4.05 53.39 -47.45
CA GLN A 94 4.07 53.43 -47.46
C GLN A 94 3.83 53.38 -45.94
C GLN A 94 3.84 53.39 -45.94
N GLN A 95 3.27 54.45 -45.35
CA GLN A 95 3.02 54.45 -43.89
C GLN A 95 1.88 53.46 -43.63
N ALA A 97 1.10 50.81 -45.36
CA ALA A 97 1.61 49.43 -45.49
C ALA A 97 2.45 49.10 -44.26
N ALA A 98 3.24 50.06 -43.74
CA ALA A 98 4.05 49.79 -42.55
C ALA A 98 3.19 49.43 -41.35
N ALA A 100 -0.05 48.40 -41.40
CA ALA A 100 -0.84 47.18 -41.64
C ALA A 100 0.03 45.91 -41.43
N GLU A 101 1.30 45.96 -41.92
CA GLU A 101 2.20 44.83 -41.73
C GLU A 101 2.60 44.64 -40.26
N PHE A 102 2.80 45.74 -39.51
CA PHE A 102 3.10 45.62 -38.08
C PHE A 102 1.90 44.96 -37.35
N ILE A 103 0.66 45.42 -37.66
CA ILE A 103 -0.52 44.87 -36.98
C ILE A 103 -0.66 43.38 -37.29
N GLY A 104 -0.39 42.99 -38.55
CA GLY A 104 -0.48 41.58 -38.95
C GLY A 104 0.51 40.74 -38.17
N ARG A 105 1.74 41.25 -37.99
CA ARG A 105 2.77 40.52 -37.22
C ARG A 105 2.39 40.44 -35.75
N GLN A 106 1.86 41.54 -35.19
CA GLN A 106 1.46 41.51 -33.76
C GLN A 106 0.27 40.52 -33.50
N LYS A 107 -0.68 40.46 -34.42
CA LYS A 107 -1.84 39.58 -34.33
C LYS A 107 -1.41 38.12 -34.46
N ALA A 108 -0.44 37.85 -35.38
CA ALA A 108 0.05 36.47 -35.59
C ALA A 108 0.83 35.98 -34.38
N ILE A 109 1.67 36.85 -33.79
CA ILE A 109 2.40 36.46 -32.58
C ILE A 109 1.44 36.22 -31.44
N GLU A 110 0.40 37.04 -31.34
CA GLU A 110 -0.60 36.85 -30.30
C GLU A 110 -1.34 35.48 -30.47
N GLU A 111 -1.65 35.04 -31.72
CA GLU A 111 -2.25 33.71 -31.89
C GLU A 111 -1.33 32.61 -31.41
N ALA A 112 -0.05 32.71 -31.70
CA ALA A 112 0.92 31.72 -31.24
C ALA A 112 1.09 31.77 -29.71
N ARG A 113 0.94 32.93 -29.12
CA ARG A 113 1.09 33.08 -27.65
C ARG A 113 -0.14 32.48 -26.97
N LYS A 114 -1.33 32.71 -27.54
CA LYS A 114 -2.56 32.13 -26.99
C LYS A 114 -2.48 30.60 -27.00
N LYS A 115 -1.94 30.03 -28.07
N LYS A 115 -1.93 30.05 -28.09
CA LYS A 115 -1.79 28.58 -28.15
CA LYS A 115 -1.72 28.61 -28.28
C LYS A 115 -0.72 28.07 -27.18
C LYS A 115 -0.68 28.07 -27.27
N ALA A 116 0.44 28.77 -27.08
CA ALA A 116 1.47 28.34 -26.10
C ALA A 116 0.91 28.41 -24.66
N GLU A 117 0.08 29.43 -24.40
CA GLU A 117 -0.50 29.54 -23.08
C GLU A 117 -1.53 28.44 -22.81
N ARG A 118 -2.40 28.13 -23.77
CA ARG A 118 -3.35 27.02 -23.60
C ARG A 118 -2.61 25.69 -23.27
N GLU A 119 -1.49 25.43 -23.96
CA GLU A 119 -0.70 24.22 -23.73
C GLU A 119 0.02 24.23 -22.39
N ALA A 120 0.51 25.41 -21.95
CA ALA A 120 1.18 25.49 -20.65
C ALA A 120 0.17 25.22 -19.54
N LYS A 121 -1.05 25.79 -19.67
CA LYS A 121 -2.11 25.58 -18.70
C LYS A 121 -2.53 24.12 -18.61
N ARG A 122 -2.62 23.40 -19.74
N ARG A 122 -2.62 23.41 -19.75
CA ARG A 122 -2.96 21.98 -19.71
CA ARG A 122 -2.96 21.99 -19.77
C ARG A 122 -1.89 21.19 -19.00
C ARG A 122 -1.89 21.19 -19.03
N ALA A 123 -0.61 21.51 -19.26
CA ALA A 123 0.53 20.82 -18.61
C ALA A 123 0.56 21.11 -17.10
N GLU A 124 0.18 22.33 -16.68
N GLU A 124 0.18 22.34 -16.64
CA GLU A 124 0.11 22.73 -15.27
CA GLU A 124 0.15 22.62 -15.18
C GLU A 124 -0.96 21.89 -14.56
C GLU A 124 -0.95 21.79 -14.56
N GLU A 125 -2.12 21.72 -15.21
CA GLU A 125 -3.24 20.93 -14.71
C GLU A 125 -2.84 19.43 -14.64
N ALA A 126 -2.08 18.96 -15.64
CA ALA A 126 -1.63 17.57 -15.65
C ALA A 126 -0.60 17.32 -14.52
N TYR A 127 0.21 18.33 -14.17
CA TYR A 127 1.18 18.21 -13.05
C TYR A 127 0.44 18.20 -11.73
N GLN A 128 -0.58 19.06 -11.57
CA GLN A 128 -1.40 19.01 -10.36
C GLN A 128 -2.13 17.68 -10.25
N ALA A 129 -2.67 17.13 -11.35
CA ALA A 129 -3.35 15.81 -11.29
C ALA A 129 -2.40 14.69 -10.91
N ALA A 130 -1.16 14.74 -11.40
CA ALA A 130 -0.16 13.71 -11.06
C ALA A 130 0.30 13.88 -9.62
N LEU A 131 0.34 15.12 -9.08
CA LEU A 131 0.68 15.31 -7.66
C LEU A 131 -0.41 14.68 -6.80
N ARG A 132 -1.68 14.94 -7.17
N ARG A 132 -1.68 14.91 -7.16
CA ARG A 132 -2.82 14.36 -6.43
CA ARG A 132 -2.79 14.30 -6.41
C ARG A 132 -2.84 12.85 -6.52
C ARG A 132 -2.80 12.80 -6.53
N ALA A 133 -2.48 12.28 -7.68
N ALA A 133 -2.47 12.26 -7.70
CA ALA A 133 -2.47 10.82 -7.85
CA ALA A 133 -2.46 10.80 -7.89
C ALA A 133 -1.38 10.20 -7.01
C ALA A 133 -1.36 10.17 -7.04
N GLN A 134 -0.20 10.86 -6.90
CA GLN A 134 0.93 10.37 -6.04
C GLN A 134 0.44 10.37 -4.59
N GLU A 135 -0.21 11.48 -4.18
CA GLU A 135 -0.73 11.59 -2.82
C GLU A 135 -1.70 10.48 -2.54
N GLU A 136 -2.61 10.21 -3.49
CA GLU A 136 -3.62 9.12 -3.27
C GLU A 136 -2.97 7.76 -3.18
N GLU A 137 -1.95 7.46 -4.01
CA GLU A 137 -1.31 6.12 -3.91
C GLU A 137 -0.54 6.00 -2.56
N GLN A 138 0.05 7.10 -2.05
CA GLN A 138 0.72 7.08 -0.75
C GLN A 138 -0.31 6.92 0.35
N ARG A 139 -1.49 7.55 0.22
CA ARG A 139 -2.55 7.40 1.23
C ARG A 139 -2.98 5.92 1.30
N LYS A 140 -3.21 5.32 0.13
CA LYS A 140 -3.65 3.91 0.09
C LYS A 140 -2.57 2.99 0.66
N GLN A 141 -1.30 3.27 0.34
CA GLN A 141 -0.20 2.49 0.89
C GLN A 141 -0.18 2.53 2.43
N ALA A 142 -0.31 3.71 3.04
CA ALA A 142 -0.30 3.85 4.52
C ALA A 142 -1.52 3.10 5.11
N GLU A 143 -2.66 3.11 4.42
CA GLU A 143 -3.85 2.39 4.94
C GLU A 143 -3.63 0.89 4.86
N ILE A 144 -3.07 0.39 3.76
N ILE A 144 -3.04 0.39 3.77
CA ILE A 144 -2.69 -1.04 3.69
CA ILE A 144 -2.71 -1.03 3.68
C ILE A 144 -1.71 -1.41 4.78
C ILE A 144 -1.68 -1.44 4.74
N GLU A 145 -0.73 -0.55 5.04
CA GLU A 145 0.26 -0.86 6.11
C GLU A 145 -0.46 -0.93 7.48
N ARG A 146 -1.45 -0.06 7.72
N ARG A 146 -1.46 -0.05 7.74
CA ARG A 146 -2.17 -0.14 9.01
CA ARG A 146 -2.18 -0.14 9.03
C ARG A 146 -2.94 -1.47 9.10
C ARG A 146 -2.94 -1.47 9.10
N LYS A 147 -3.55 -1.88 7.98
CA LYS A 147 -4.31 -3.16 7.97
C LYS A 147 -3.34 -4.35 8.12
N LEU A 148 -2.17 -4.26 7.50
CA LEU A 148 -1.16 -5.33 7.60
C LEU A 148 -0.69 -5.47 9.06
N GLN A 149 -0.51 -4.34 9.76
CA GLN A 149 -0.14 -4.43 11.20
C GLN A 149 -1.28 -5.13 11.99
N GLU A 150 -2.57 -4.80 11.74
N GLU A 150 -2.53 -4.80 11.64
CA GLU A 150 -3.64 -5.53 12.48
CA GLU A 150 -3.69 -5.44 12.24
C GLU A 150 -3.63 -7.03 12.08
C GLU A 150 -3.72 -6.95 12.01
N ALA A 151 -3.35 -7.36 10.81
N ALA A 151 -3.54 -7.41 10.76
CA ALA A 151 -3.30 -8.77 10.36
CA ALA A 151 -3.52 -8.86 10.48
C ALA A 151 -2.22 -9.53 11.15
C ALA A 151 -2.39 -9.43 11.31
N ARG A 152 -1.09 -8.86 11.43
N ARG A 152 -1.07 -8.96 11.30
CA ARG A 152 0.03 -9.46 12.16
CA ARG A 152 0.02 -9.57 12.05
C ARG A 152 -0.32 -9.67 13.62
C ARG A 152 -0.32 -9.64 13.53
N LYS A 153 -1.05 -8.73 14.19
N LYS A 153 -1.10 -8.66 14.05
CA LYS A 153 -1.50 -8.85 15.60
CA LYS A 153 -1.54 -8.74 15.47
C LYS A 153 -2.53 -10.00 15.72
C LYS A 153 -2.47 -9.97 15.64
N GLN A 154 -3.49 -10.10 14.76
CA GLN A 154 -4.45 -11.20 14.82
C GLN A 154 -3.74 -12.54 14.61
N GLU A 155 -2.74 -12.56 13.71
CA GLU A 155 -2.02 -13.79 13.43
C GLU A 155 -1.24 -14.21 14.68
N ALA A 156 -0.57 -13.26 15.38
CA ALA A 156 0.16 -13.63 16.62
C ALA A 156 -0.76 -14.20 17.66
N ALA A 157 -1.96 -13.61 17.78
CA ALA A 157 -2.93 -14.11 18.76
C ALA A 157 -3.38 -15.53 18.39
N ALA A 158 -3.63 -15.81 17.11
CA ALA A 158 -4.07 -17.12 16.59
C ALA A 158 -2.97 -18.14 16.76
N LYS A 159 -1.71 -17.77 16.46
CA LYS A 159 -0.56 -18.67 16.68
C LYS A 159 -0.45 -19.06 18.16
N ALA A 160 -0.50 -18.08 19.07
CA ALA A 160 -0.41 -18.35 20.51
C ALA A 160 -1.56 -19.27 20.96
N LYS A 161 -2.76 -19.03 20.45
CA LYS A 161 -3.92 -19.88 20.81
C LYS A 161 -3.77 -21.31 20.25
N ALA A 162 -3.40 -21.46 18.99
CA ALA A 162 -3.20 -22.79 18.36
C ALA A 162 -2.13 -23.57 19.16
N GLU A 163 -1.05 -22.88 19.56
CA GLU A 163 0.02 -23.53 20.32
C GLU A 163 -0.47 -23.95 21.70
N ALA A 164 -1.21 -23.06 22.40
CA ALA A 164 -1.70 -23.38 23.72
C ALA A 164 -2.67 -24.57 23.65
N ASP A 165 -3.51 -24.61 22.62
CA ASP A 165 -4.45 -25.73 22.46
C ASP A 165 -3.75 -27.01 22.18
N ARG A 166 -2.71 -26.97 21.35
CA ARG A 166 -1.94 -28.20 21.07
C ARG A 166 -1.27 -28.73 22.38
N ILE A 167 -0.67 -27.84 23.16
CA ILE A 167 0.00 -28.27 24.41
C ILE A 167 -1.05 -28.80 25.39
N ALA A 168 -2.26 -28.19 25.42
CA ALA A 168 -3.32 -28.69 26.33
C ALA A 168 -3.74 -30.08 25.90
N ALA A 169 -3.83 -30.33 24.58
CA ALA A 169 -4.17 -31.66 24.09
C ALA A 169 -3.10 -32.69 24.49
N GLU A 170 -1.83 -32.29 24.39
CA GLU A 170 -0.71 -33.17 24.78
C GLU A 170 -0.74 -33.49 26.27
N LYS A 171 -1.05 -32.48 27.10
N LYS A 171 -1.05 -32.47 27.09
CA LYS A 171 -1.12 -32.61 28.56
CA LYS A 171 -1.13 -32.60 28.54
C LYS A 171 -2.28 -33.50 28.96
C LYS A 171 -2.28 -33.49 28.97
N ALA A 172 -3.42 -33.39 28.26
CA ALA A 172 -4.59 -34.24 28.58
C ALA A 172 -4.26 -35.71 28.28
N GLU A 173 -3.53 -35.97 27.20
CA GLU A 173 -3.12 -37.34 26.87
C GLU A 173 -2.04 -37.82 27.86
N ALA A 174 -1.07 -36.97 28.24
CA ALA A 174 -0.05 -37.40 29.24
C ALA A 174 -0.73 -37.72 30.59
N GLU A 175 -1.70 -36.89 30.98
CA GLU A 175 -2.44 -37.11 32.21
C GLU A 175 -3.35 -38.35 32.15
N ALA A 176 -3.94 -38.63 30.97
CA ALA A 176 -4.83 -39.80 30.80
C ALA A 176 -4.03 -41.09 30.97
N ARG A 177 -2.87 -41.13 30.37
CA ARG A 177 -1.93 -42.23 30.44
C ARG A 177 -1.41 -42.41 31.87
N ALA A 178 -1.02 -41.32 32.57
CA ALA A 178 -0.51 -41.40 33.94
C ALA A 178 -1.58 -41.93 34.90
N LYS A 179 -2.80 -41.44 34.75
CA LYS A 179 -3.94 -41.88 35.56
C LYS A 179 -4.26 -43.37 35.35
N ALA A 180 -4.25 -43.84 34.09
CA ALA A 180 -4.57 -45.26 33.84
C ALA A 180 -3.47 -46.16 34.46
N GLU A 181 -2.21 -45.72 34.38
CA GLU A 181 -1.09 -46.48 34.94
C GLU A 181 -1.17 -46.48 36.48
N ALA A 182 -1.46 -45.31 37.05
CA ALA A 182 -1.62 -45.21 38.50
C ALA A 182 -2.79 -46.07 39.03
N GLU A 183 -3.90 -46.14 38.30
CA GLU A 183 -5.04 -46.97 38.73
C GLU A 183 -4.71 -48.46 38.60
N ARG A 184 -4.01 -48.82 37.50
CA ARG A 184 -3.63 -50.21 37.31
C ARG A 184 -2.65 -50.71 38.42
N ARG A 185 -1.69 -49.85 38.79
CA ARG A 185 -0.73 -50.21 39.84
C ARG A 185 -1.38 -50.19 41.19
N LYS A 186 -2.32 -49.26 41.42
CA LYS A 186 -2.97 -49.22 42.72
C LYS A 186 -3.77 -50.53 42.97
N ALA A 187 -4.49 -51.07 41.95
CA ALA A 187 -5.29 -52.29 42.10
C ALA A 187 -4.40 -53.49 42.27
N GLU A 188 -3.31 -53.58 41.51
CA GLU A 188 -2.38 -54.71 41.66
C GLU A 188 -1.75 -54.72 43.08
N GLU A 189 -1.35 -53.56 43.59
CA GLU A 189 -0.76 -53.46 44.92
C GLU A 189 -1.78 -53.77 45.99
N ALA A 190 -3.03 -53.31 45.82
CA ALA A 190 -4.07 -53.63 46.80
C ALA A 190 -4.30 -55.14 46.88
N ARG A 191 -4.31 -55.83 45.72
N ARG A 191 -4.32 -55.83 45.72
CA ARG A 191 -4.50 -57.28 45.73
CA ARG A 191 -4.50 -57.29 45.75
C ARG A 191 -3.33 -57.96 46.43
C ARG A 191 -3.33 -57.99 46.41
N LYS A 192 -2.09 -57.58 46.08
CA LYS A 192 -0.90 -58.21 46.67
C LYS A 192 -0.65 -57.90 48.13
N ALA A 193 -1.17 -56.75 48.65
CA ALA A 193 -1.06 -56.43 50.08
C ALA A 193 -1.88 -57.36 50.94
N LEU A 194 -2.99 -57.90 50.43
CA LEU A 194 -3.78 -58.90 51.17
C LEU A 194 -3.01 -60.16 51.44
N PHE A 195 -2.23 -60.58 50.45
CA PHE A 195 -1.42 -61.79 50.68
C PHE A 195 -0.30 -61.42 51.67
N ALA A 196 0.41 -60.30 51.40
CA ALA A 196 1.58 -59.96 52.22
C ALA A 196 1.23 -59.69 53.70
N LYS A 197 0.12 -59.01 53.96
CA LYS A 197 -0.32 -58.73 55.32
C LYS A 197 -0.75 -60.00 56.09
N ALA A 198 -1.16 -61.04 55.37
CA ALA A 198 -1.51 -62.33 56.00
C ALA A 198 -0.22 -63.18 56.22
N GLY A 199 0.94 -62.67 55.86
CA GLY A 199 2.19 -63.41 56.05
C GLY A 199 2.47 -64.40 54.94
N ILE A 200 1.83 -64.21 53.78
CA ILE A 200 2.14 -65.08 52.62
C ILE A 200 3.08 -64.26 51.78
N LYS A 201 4.34 -64.60 51.83
CA LYS A 201 5.41 -63.82 51.25
C LYS A 201 5.92 -64.33 49.91
N ASP A 202 6.60 -63.44 49.14
CA ASP A 202 7.25 -63.82 47.87
C ASP A 202 8.57 -64.51 48.18
N THR A 203 9.06 -65.26 47.21
CA THR A 203 10.24 -66.08 47.36
C THR A 203 11.10 -65.95 46.10
N PRO A 204 12.41 -66.24 46.21
CA PRO A 204 13.27 -66.13 45.02
C PRO A 204 12.82 -67.07 43.90
N LEU A 205 13.15 -66.68 42.62
CA LEU A 205 12.92 -67.50 41.43
C LEU A 205 13.80 -68.74 41.49
#